data_2DI2
#
_entry.id   2DI2
#
loop_
_entity.id
_entity.type
_entity.pdbx_description
1 polymer 'Nucleocapsid protein p7'
2 non-polymer 'ZINC ION'
#
_entity_poly.entity_id   1
_entity_poly.type   'polypeptide(L)'
_entity_poly.pdbx_seq_one_letter_code
;AQQRKVIRCWACGKEGHSARQCRAPRRQG
;
_entity_poly.pdbx_strand_id   A
#
# COMPACT_ATOMS: atom_id res chain seq x y z
N ALA A 1 0.61 19.24 1.03
CA ALA A 1 -0.13 17.95 1.17
C ALA A 1 0.84 16.81 1.46
N GLN A 2 0.37 15.59 1.46
CA GLN A 2 1.27 14.44 1.75
C GLN A 2 1.63 13.71 0.45
N GLN A 3 0.67 13.07 -0.17
CA GLN A 3 0.97 12.34 -1.44
C GLN A 3 -0.34 12.04 -2.18
N ARG A 4 -1.01 13.06 -2.65
CA ARG A 4 -2.28 12.84 -3.40
C ARG A 4 -3.29 12.09 -2.52
N LYS A 5 -3.31 10.79 -2.57
CA LYS A 5 -4.27 10.02 -1.74
C LYS A 5 -3.55 9.39 -0.55
N VAL A 6 -4.27 8.76 0.33
CA VAL A 6 -3.61 8.12 1.50
C VAL A 6 -2.42 7.30 1.03
N ILE A 7 -1.57 6.90 1.92
CA ILE A 7 -0.41 6.07 1.50
C ILE A 7 -0.90 4.64 1.30
N ARG A 8 -1.37 4.32 0.13
CA ARG A 8 -1.88 2.95 -0.11
C ARG A 8 -0.73 1.97 -0.32
N CYS A 9 0.21 1.97 0.59
CA CYS A 9 1.39 1.05 0.48
C CYS A 9 1.74 0.78 -0.98
N TRP A 10 2.41 1.69 -1.63
CA TRP A 10 2.75 1.47 -3.06
C TRP A 10 3.36 0.08 -3.24
N ALA A 11 3.87 -0.52 -2.21
CA ALA A 11 4.47 -1.88 -2.34
C ALA A 11 3.35 -2.93 -2.46
N CYS A 12 2.15 -2.57 -2.10
CA CYS A 12 1.02 -3.55 -2.20
C CYS A 12 -0.14 -2.94 -2.99
N GLY A 13 -0.59 -1.78 -2.60
CA GLY A 13 -1.72 -1.14 -3.34
C GLY A 13 -2.97 -1.12 -2.45
N LYS A 14 -2.79 -0.93 -1.17
CA LYS A 14 -3.97 -0.89 -0.25
C LYS A 14 -3.90 0.34 0.65
N GLU A 15 -5.00 1.02 0.82
CA GLU A 15 -5.02 2.24 1.69
C GLU A 15 -5.08 1.82 3.16
N GLY A 16 -4.09 2.18 3.93
CA GLY A 16 -4.11 1.79 5.37
C GLY A 16 -2.69 1.70 5.93
N HIS A 17 -1.71 1.41 5.12
CA HIS A 17 -0.32 1.31 5.64
C HIS A 17 0.71 1.77 4.61
N SER A 18 1.94 1.86 5.01
CA SER A 18 3.02 2.30 4.07
C SER A 18 3.88 1.11 3.67
N ALA A 19 4.48 1.16 2.52
CA ALA A 19 5.34 0.03 2.08
C ALA A 19 6.31 -0.36 3.20
N ARG A 20 6.77 0.60 3.96
CA ARG A 20 7.71 0.29 5.07
C ARG A 20 7.12 -0.84 5.94
N GLN A 21 5.83 -0.98 5.93
CA GLN A 21 5.19 -2.05 6.74
C GLN A 21 4.41 -3.01 5.82
N CYS A 22 4.53 -2.83 4.54
CA CYS A 22 3.81 -3.71 3.59
C CYS A 22 3.97 -5.18 3.98
N ARG A 23 2.99 -5.75 4.63
CA ARG A 23 3.09 -7.19 5.02
C ARG A 23 2.61 -8.07 3.87
N ALA A 24 2.40 -7.48 2.72
CA ALA A 24 1.93 -8.27 1.55
C ALA A 24 3.04 -8.39 0.51
N PRO A 25 3.53 -9.59 0.34
CA PRO A 25 4.61 -9.85 -0.64
C PRO A 25 4.07 -9.80 -2.07
N ARG A 26 3.49 -8.70 -2.46
CA ARG A 26 2.94 -8.60 -3.85
C ARG A 26 2.03 -9.79 -4.16
N ARG A 27 0.75 -9.59 -4.16
CA ARG A 27 -0.18 -10.71 -4.46
C ARG A 27 0.00 -11.85 -3.46
N GLN A 28 -0.76 -11.86 -2.39
CA GLN A 28 -0.63 -12.93 -1.37
C GLN A 28 -1.66 -12.74 -0.27
N GLY A 29 -1.57 -11.64 0.43
CA GLY A 29 -2.53 -11.37 1.53
C GLY A 29 -3.21 -10.01 1.30
N ALA A 1 -5.42 18.93 -2.72
CA ALA A 1 -5.90 18.74 -4.12
C ALA A 1 -6.68 17.43 -4.24
N GLN A 2 -7.10 17.08 -5.43
CA GLN A 2 -7.86 15.82 -5.61
C GLN A 2 -7.01 14.80 -6.35
N GLN A 3 -6.08 14.17 -5.68
CA GLN A 3 -5.22 13.15 -6.35
C GLN A 3 -5.13 11.89 -5.49
N ARG A 4 -5.67 10.80 -5.98
CA ARG A 4 -5.61 9.53 -5.18
C ARG A 4 -6.00 9.78 -3.72
N LYS A 5 -5.64 8.89 -2.84
CA LYS A 5 -6.00 9.06 -1.41
C LYS A 5 -4.79 8.85 -0.51
N VAL A 6 -5.05 8.48 0.70
CA VAL A 6 -3.94 8.23 1.69
C VAL A 6 -2.83 7.39 1.07
N ILE A 7 -1.86 7.03 1.86
CA ILE A 7 -0.75 6.20 1.34
C ILE A 7 -1.19 4.74 1.24
N ARG A 8 -1.52 4.30 0.06
CA ARG A 8 -1.97 2.89 -0.10
C ARG A 8 -0.75 1.96 -0.21
N CYS A 9 0.21 2.14 0.68
CA CYS A 9 1.43 1.28 0.65
C CYS A 9 1.76 0.85 -0.79
N TRP A 10 2.43 1.68 -1.53
CA TRP A 10 2.75 1.30 -2.94
C TRP A 10 3.32 -0.12 -3.00
N ALA A 11 3.82 -0.63 -1.91
CA ALA A 11 4.37 -2.02 -1.93
C ALA A 11 3.25 -3.01 -2.28
N CYS A 12 2.03 -2.61 -2.11
CA CYS A 12 0.89 -3.52 -2.43
C CYS A 12 -0.22 -2.74 -3.14
N GLY A 13 -0.52 -1.56 -2.69
CA GLY A 13 -1.60 -0.76 -3.33
C GLY A 13 -2.82 -0.70 -2.42
N LYS A 14 -2.71 -1.20 -1.24
CA LYS A 14 -3.88 -1.18 -0.30
C LYS A 14 -3.85 0.09 0.54
N GLU A 15 -4.99 0.71 0.74
CA GLU A 15 -5.05 1.95 1.57
C GLU A 15 -5.05 1.62 3.05
N GLY A 16 -4.20 2.25 3.82
CA GLY A 16 -4.19 1.96 5.29
C GLY A 16 -2.76 1.95 5.82
N HIS A 17 -1.88 1.23 5.19
CA HIS A 17 -0.47 1.19 5.69
C HIS A 17 0.50 1.68 4.61
N SER A 18 1.76 1.69 4.92
CA SER A 18 2.77 2.14 3.92
C SER A 18 3.60 0.93 3.46
N ALA A 19 4.46 1.13 2.50
CA ALA A 19 5.27 -0.01 2.01
C ALA A 19 6.21 -0.52 3.09
N ARG A 20 6.95 0.36 3.72
CA ARG A 20 7.89 -0.08 4.79
C ARG A 20 7.22 -1.12 5.69
N GLN A 21 6.03 -0.85 6.15
CA GLN A 21 5.33 -1.83 7.05
C GLN A 21 4.55 -2.84 6.20
N CYS A 22 4.60 -2.74 4.90
CA CYS A 22 3.84 -3.70 4.06
C CYS A 22 4.70 -4.93 3.72
N ARG A 23 4.12 -6.09 3.77
CA ARG A 23 4.87 -7.33 3.43
C ARG A 23 4.25 -8.00 2.21
N ALA A 24 3.38 -7.31 1.54
CA ALA A 24 2.72 -7.90 0.33
C ALA A 24 3.71 -7.95 -0.84
N PRO A 25 3.69 -9.06 -1.54
CA PRO A 25 4.59 -9.25 -2.69
C PRO A 25 4.06 -8.50 -3.92
N ARG A 26 3.71 -7.25 -3.76
CA ARG A 26 3.18 -6.47 -4.92
C ARG A 26 1.98 -7.19 -5.53
N ARG A 27 1.24 -6.52 -6.38
CA ARG A 27 0.05 -7.16 -7.01
C ARG A 27 -0.80 -7.89 -5.95
N GLN A 28 -0.68 -7.49 -4.72
CA GLN A 28 -1.47 -8.15 -3.64
C GLN A 28 -2.87 -7.53 -3.56
N GLY A 29 -2.94 -6.29 -3.20
CA GLY A 29 -4.27 -5.61 -3.10
C GLY A 29 -5.02 -6.15 -1.89
N ALA A 1 -11.27 17.83 -3.83
CA ALA A 1 -9.82 17.53 -3.88
C ALA A 1 -9.45 16.88 -5.22
N GLN A 2 -8.21 16.52 -5.39
CA GLN A 2 -7.80 15.89 -6.68
C GLN A 2 -6.36 15.37 -6.58
N GLN A 3 -5.98 14.88 -5.43
CA GLN A 3 -4.59 14.36 -5.26
C GLN A 3 -4.63 12.85 -5.03
N ARG A 4 -3.54 12.17 -5.34
CA ARG A 4 -3.50 10.70 -5.15
C ARG A 4 -4.25 10.28 -3.89
N LYS A 5 -4.70 9.05 -3.83
CA LYS A 5 -5.44 8.58 -2.62
C LYS A 5 -4.50 8.52 -1.42
N VAL A 6 -5.00 8.08 -0.30
CA VAL A 6 -4.12 7.99 0.91
C VAL A 6 -2.87 7.21 0.55
N ILE A 7 -2.05 6.91 1.51
CA ILE A 7 -0.83 6.13 1.19
C ILE A 7 -1.23 4.66 1.01
N ARG A 8 -1.43 4.25 -0.21
CA ARG A 8 -1.86 2.85 -0.48
C ARG A 8 -0.65 1.93 -0.52
N CYS A 9 0.34 2.17 0.30
CA CYS A 9 1.55 1.31 0.30
C CYS A 9 1.92 0.93 -1.13
N TRP A 10 2.62 1.78 -1.81
CA TRP A 10 3.01 1.46 -3.21
C TRP A 10 3.50 0.00 -3.28
N ALA A 11 4.03 -0.50 -2.20
CA ALA A 11 4.54 -1.90 -2.20
C ALA A 11 3.38 -2.89 -2.18
N CYS A 12 2.19 -2.43 -1.94
CA CYS A 12 1.01 -3.33 -1.91
C CYS A 12 -0.08 -2.80 -2.85
N GLY A 13 -0.79 -1.78 -2.44
CA GLY A 13 -1.86 -1.20 -3.30
C GLY A 13 -3.08 -0.84 -2.47
N LYS A 14 -3.15 -1.30 -1.25
CA LYS A 14 -4.33 -0.98 -0.40
C LYS A 14 -4.00 0.17 0.57
N GLU A 15 -4.98 0.95 0.92
CA GLU A 15 -4.73 2.09 1.86
C GLU A 15 -4.80 1.61 3.31
N GLY A 16 -4.09 2.26 4.19
CA GLY A 16 -4.11 1.84 5.62
C GLY A 16 -2.68 1.61 6.10
N HIS A 17 -1.77 1.42 5.18
CA HIS A 17 -0.35 1.18 5.59
C HIS A 17 0.59 1.61 4.47
N SER A 18 1.86 1.73 4.77
CA SER A 18 2.83 2.15 3.73
C SER A 18 3.81 1.00 3.46
N ALA A 19 4.35 0.94 2.27
CA ALA A 19 5.32 -0.15 1.95
C ALA A 19 6.25 -0.40 3.13
N ARG A 20 6.69 0.65 3.79
CA ARG A 20 7.61 0.46 4.95
C ARG A 20 7.12 -0.70 5.82
N GLN A 21 5.85 -0.96 5.83
CA GLN A 21 5.31 -2.07 6.65
C GLN A 21 4.42 -2.98 5.80
N CYS A 22 4.51 -2.85 4.50
CA CYS A 22 3.67 -3.69 3.60
C CYS A 22 3.59 -5.13 4.12
N ARG A 23 2.40 -5.66 4.21
CA ARG A 23 2.23 -7.06 4.70
C ARG A 23 1.75 -7.94 3.53
N ALA A 24 1.35 -7.34 2.45
CA ALA A 24 0.86 -8.12 1.29
C ALA A 24 2.04 -8.72 0.52
N PRO A 25 1.73 -9.61 -0.37
CA PRO A 25 2.77 -10.29 -1.19
C PRO A 25 3.19 -9.42 -2.38
N ARG A 26 3.21 -8.13 -2.21
CA ARG A 26 3.63 -7.24 -3.35
C ARG A 26 2.69 -7.42 -4.54
N ARG A 27 1.58 -6.74 -4.54
CA ARG A 27 0.62 -6.87 -5.68
C ARG A 27 0.50 -8.34 -6.13
N GLN A 28 0.16 -9.22 -5.23
CA GLN A 28 0.03 -10.66 -5.62
C GLN A 28 -1.09 -11.33 -4.83
N GLY A 29 -1.97 -10.56 -4.25
CA GLY A 29 -3.08 -11.17 -3.47
C GLY A 29 -4.19 -10.13 -3.25
N ALA A 1 -3.60 4.56 -11.58
CA ALA A 1 -3.19 3.14 -11.33
C ALA A 1 -3.98 2.57 -10.15
N GLN A 2 -3.75 3.08 -8.96
CA GLN A 2 -4.48 2.55 -7.77
C GLN A 2 -5.28 3.68 -7.11
N GLN A 3 -6.13 3.33 -6.17
CA GLN A 3 -6.95 4.38 -5.49
C GLN A 3 -6.97 4.14 -3.97
N ARG A 4 -8.10 4.30 -3.35
CA ARG A 4 -8.21 4.09 -1.87
C ARG A 4 -7.64 5.29 -1.09
N LYS A 5 -6.95 6.17 -1.75
CA LYS A 5 -6.39 7.35 -1.04
C LYS A 5 -5.45 6.91 0.08
N VAL A 6 -4.98 7.84 0.86
CA VAL A 6 -4.04 7.50 1.95
C VAL A 6 -2.77 6.88 1.38
N ILE A 7 -1.85 6.51 2.21
CA ILE A 7 -0.61 5.88 1.68
C ILE A 7 -0.95 4.43 1.31
N ARG A 8 -1.25 4.19 0.07
CA ARG A 8 -1.63 2.82 -0.35
C ARG A 8 -0.39 1.94 -0.52
N CYS A 9 0.51 1.98 0.43
CA CYS A 9 1.75 1.15 0.37
C CYS A 9 2.09 0.77 -1.06
N TRP A 10 2.80 1.63 -1.74
CA TRP A 10 3.18 1.35 -3.14
C TRP A 10 3.57 -0.13 -3.29
N ALA A 11 4.08 -0.72 -2.24
CA ALA A 11 4.50 -2.15 -2.31
C ALA A 11 3.28 -3.07 -2.44
N CYS A 12 2.10 -2.52 -2.35
CA CYS A 12 0.88 -3.37 -2.49
C CYS A 12 -0.20 -2.62 -3.28
N GLY A 13 -0.83 -1.64 -2.69
CA GLY A 13 -1.88 -0.88 -3.42
C GLY A 13 -3.16 -0.84 -2.57
N LYS A 14 -3.04 -0.63 -1.29
CA LYS A 14 -4.25 -0.57 -0.43
C LYS A 14 -4.09 0.50 0.65
N GLU A 15 -5.14 1.22 0.95
CA GLU A 15 -5.05 2.29 1.99
C GLU A 15 -5.11 1.67 3.38
N GLY A 16 -4.17 2.00 4.22
CA GLY A 16 -4.17 1.43 5.60
C GLY A 16 -2.73 1.31 6.10
N HIS A 17 -1.77 1.32 5.20
CA HIS A 17 -0.35 1.21 5.64
C HIS A 17 0.59 1.59 4.48
N SER A 18 1.87 1.55 4.73
CA SER A 18 2.84 1.91 3.65
C SER A 18 3.83 0.77 3.44
N ALA A 19 4.42 0.68 2.27
CA ALA A 19 5.40 -0.42 2.01
C ALA A 19 6.37 -0.54 3.18
N ARG A 20 6.83 0.57 3.71
CA ARG A 20 7.77 0.50 4.86
C ARG A 20 7.25 -0.50 5.89
N GLN A 21 5.97 -0.74 5.91
CA GLN A 21 5.40 -1.71 6.89
C GLN A 21 4.47 -2.69 6.18
N CYS A 22 4.32 -2.58 4.88
CA CYS A 22 3.42 -3.52 4.15
C CYS A 22 3.87 -4.97 4.37
N ARG A 23 3.08 -5.74 5.06
CA ARG A 23 3.46 -7.16 5.32
C ARG A 23 2.71 -8.09 4.37
N ALA A 24 2.43 -7.62 3.17
CA ALA A 24 1.70 -8.49 2.20
C ALA A 24 2.69 -9.15 1.24
N PRO A 25 2.17 -10.06 0.45
CA PRO A 25 3.01 -10.79 -0.51
C PRO A 25 3.23 -9.97 -1.80
N ARG A 26 3.12 -8.67 -1.72
CA ARG A 26 3.32 -7.83 -2.93
C ARG A 26 2.17 -8.06 -3.93
N ARG A 27 1.49 -7.02 -4.31
CA ARG A 27 0.37 -7.16 -5.28
C ARG A 27 -0.81 -7.88 -4.61
N GLN A 28 -0.90 -7.81 -3.31
CA GLN A 28 -2.03 -8.48 -2.61
C GLN A 28 -2.13 -7.95 -1.17
N GLY A 29 -2.44 -6.70 -1.01
CA GLY A 29 -2.55 -6.12 0.36
C GLY A 29 -3.67 -6.85 1.12
N ALA A 1 -16.38 3.30 -6.16
CA ALA A 1 -14.98 3.16 -5.67
C ALA A 1 -14.17 4.40 -6.07
N GLN A 2 -14.78 5.56 -6.01
CA GLN A 2 -14.04 6.80 -6.38
C GLN A 2 -13.29 7.36 -5.17
N GLN A 3 -12.64 6.51 -4.41
CA GLN A 3 -11.89 6.99 -3.21
C GLN A 3 -10.39 6.89 -3.45
N ARG A 4 -9.62 7.69 -2.77
CA ARG A 4 -8.14 7.66 -2.92
C ARG A 4 -7.53 8.91 -2.28
N LYS A 5 -6.80 8.74 -1.21
CA LYS A 5 -6.17 9.91 -0.54
C LYS A 5 -5.36 9.45 0.65
N VAL A 6 -4.46 8.53 0.42
CA VAL A 6 -3.61 8.00 1.51
C VAL A 6 -2.50 7.15 0.90
N ILE A 7 -1.60 6.66 1.70
CA ILE A 7 -0.50 5.82 1.16
C ILE A 7 -1.02 4.40 0.91
N ARG A 8 -1.42 4.11 -0.30
CA ARG A 8 -1.96 2.75 -0.59
C ARG A 8 -0.83 1.74 -0.74
N CYS A 9 0.04 1.68 0.23
CA CYS A 9 1.17 0.71 0.18
C CYS A 9 1.75 0.62 -1.23
N TRP A 10 2.83 1.32 -1.49
CA TRP A 10 3.46 1.27 -2.84
C TRP A 10 3.68 -0.18 -3.28
N ALA A 11 3.75 -1.10 -2.35
CA ALA A 11 4.01 -2.51 -2.71
C ALA A 11 2.71 -3.31 -2.82
N CYS A 12 1.61 -2.74 -2.40
CA CYS A 12 0.31 -3.48 -2.48
C CYS A 12 -0.70 -2.67 -3.28
N GLY A 13 -0.99 -1.47 -2.86
CA GLY A 13 -1.98 -0.63 -3.59
C GLY A 13 -3.21 -0.40 -2.71
N LYS A 14 -3.24 -0.99 -1.55
CA LYS A 14 -4.41 -0.80 -0.64
C LYS A 14 -4.10 0.28 0.40
N GLU A 15 -5.09 1.01 0.81
CA GLU A 15 -4.85 2.08 1.82
C GLU A 15 -4.84 1.49 3.24
N GLY A 16 -3.96 1.97 4.08
CA GLY A 16 -3.91 1.42 5.47
C GLY A 16 -2.47 1.38 5.97
N HIS A 17 -1.55 0.87 5.19
CA HIS A 17 -0.14 0.80 5.64
C HIS A 17 0.81 1.37 4.58
N SER A 18 2.04 1.61 4.95
CA SER A 18 3.03 2.13 3.96
C SER A 18 4.11 1.08 3.70
N ALA A 19 4.85 1.22 2.64
CA ALA A 19 5.91 0.21 2.34
C ALA A 19 6.66 -0.16 3.61
N ARG A 20 7.11 0.82 4.36
CA ARG A 20 7.85 0.51 5.60
C ARG A 20 7.08 -0.50 6.45
N GLN A 21 5.80 -0.61 6.23
CA GLN A 21 4.98 -1.57 7.02
C GLN A 21 4.42 -2.66 6.11
N CYS A 22 4.47 -2.46 4.81
CA CYS A 22 3.92 -3.49 3.88
C CYS A 22 4.35 -4.89 4.29
N ARG A 23 3.49 -5.62 4.95
CA ARG A 23 3.85 -7.00 5.38
C ARG A 23 3.29 -8.02 4.38
N ALA A 24 2.86 -7.56 3.24
CA ALA A 24 2.31 -8.48 2.21
C ALA A 24 3.32 -8.70 1.08
N PRO A 25 3.62 -9.95 0.83
CA PRO A 25 4.58 -10.30 -0.25
C PRO A 25 3.93 -10.15 -1.63
N ARG A 26 3.30 -9.04 -1.89
CA ARG A 26 2.65 -8.84 -3.21
C ARG A 26 1.65 -9.97 -3.50
N ARG A 27 0.38 -9.72 -3.31
CA ARG A 27 -0.64 -10.77 -3.58
C ARG A 27 -0.31 -12.04 -2.79
N GLN A 28 0.20 -11.90 -1.60
CA GLN A 28 0.52 -13.10 -0.78
C GLN A 28 1.21 -14.16 -1.66
N GLY A 29 2.31 -13.81 -2.27
CA GLY A 29 3.02 -14.80 -3.14
C GLY A 29 2.03 -15.39 -4.15
N ALA A 1 -11.79 12.88 -8.30
CA ALA A 1 -10.47 13.56 -8.06
C ALA A 1 -10.22 13.70 -6.56
N GLN A 2 -11.00 14.51 -5.89
CA GLN A 2 -10.81 14.68 -4.42
C GLN A 2 -9.40 15.24 -4.13
N GLN A 3 -8.95 15.14 -2.91
CA GLN A 3 -7.61 15.66 -2.56
C GLN A 3 -6.67 14.50 -2.23
N ARG A 4 -6.14 13.84 -3.23
CA ARG A 4 -5.24 12.69 -2.97
C ARG A 4 -5.93 11.69 -2.03
N LYS A 5 -5.33 10.56 -1.78
CA LYS A 5 -5.98 9.57 -0.88
C LYS A 5 -4.95 8.98 0.08
N VAL A 6 -5.39 8.19 1.03
CA VAL A 6 -4.44 7.58 1.99
C VAL A 6 -3.24 7.01 1.24
N ILE A 7 -2.27 6.52 1.93
CA ILE A 7 -1.09 5.94 1.25
C ILE A 7 -1.46 4.52 0.79
N ARG A 8 -1.65 4.34 -0.49
CA ARG A 8 -2.06 2.99 -0.99
C ARG A 8 -0.85 2.05 -1.06
N CYS A 9 -0.12 1.95 0.01
CA CYS A 9 1.07 1.03 0.06
C CYS A 9 1.72 0.84 -1.31
N TRP A 10 2.80 1.52 -1.57
CA TRP A 10 3.48 1.38 -2.88
C TRP A 10 3.70 -0.10 -3.24
N ALA A 11 3.70 -0.97 -2.28
CA ALA A 11 3.98 -2.41 -2.59
C ALA A 11 2.70 -3.25 -2.49
N CYS A 12 1.63 -2.71 -1.96
CA CYS A 12 0.38 -3.51 -1.83
C CYS A 12 -0.74 -2.87 -2.66
N GLY A 13 -0.71 -1.56 -2.81
CA GLY A 13 -1.78 -0.88 -3.59
C GLY A 13 -3.02 -0.68 -2.72
N LYS A 14 -2.98 -1.13 -1.50
CA LYS A 14 -4.17 -0.97 -0.60
C LYS A 14 -3.95 0.24 0.32
N GLU A 15 -5.01 0.87 0.75
CA GLU A 15 -4.86 2.05 1.65
C GLU A 15 -4.97 1.62 3.11
N GLY A 16 -4.02 1.98 3.92
CA GLY A 16 -4.09 1.61 5.37
C GLY A 16 -2.69 1.41 5.93
N HIS A 17 -1.68 1.37 5.09
CA HIS A 17 -0.29 1.18 5.60
C HIS A 17 0.73 1.69 4.59
N SER A 18 1.96 1.87 5.02
CA SER A 18 3.01 2.35 4.09
C SER A 18 4.00 1.23 3.79
N ALA A 19 4.81 1.39 2.78
CA ALA A 19 5.80 0.32 2.44
C ALA A 19 6.61 -0.08 3.67
N ARG A 20 7.02 0.87 4.46
CA ARG A 20 7.82 0.54 5.68
C ARG A 20 7.27 -0.71 6.36
N GLN A 21 6.00 -1.00 6.20
CA GLN A 21 5.42 -2.21 6.83
C GLN A 21 4.64 -3.03 5.81
N CYS A 22 4.77 -2.70 4.55
CA CYS A 22 4.04 -3.47 3.51
C CYS A 22 4.17 -4.98 3.75
N ARG A 23 3.17 -5.59 4.32
CA ARG A 23 3.25 -7.06 4.58
C ARG A 23 2.86 -7.83 3.32
N ALA A 24 2.74 -7.14 2.21
CA ALA A 24 2.35 -7.82 0.94
C ALA A 24 3.57 -8.40 0.24
N PRO A 25 3.37 -9.54 -0.37
CA PRO A 25 4.47 -10.22 -1.10
C PRO A 25 4.78 -9.42 -2.36
N ARG A 26 3.81 -8.74 -2.90
CA ARG A 26 4.04 -7.94 -4.12
C ARG A 26 5.26 -7.03 -3.91
N ARG A 27 6.35 -7.34 -4.57
CA ARG A 27 7.59 -6.53 -4.43
C ARG A 27 8.35 -6.92 -3.15
N GLN A 28 7.66 -7.38 -2.13
CA GLN A 28 8.38 -7.77 -0.89
C GLN A 28 9.59 -8.62 -1.23
N GLY A 29 9.39 -9.69 -1.95
CA GLY A 29 10.54 -10.56 -2.32
C GLY A 29 10.45 -10.90 -3.81
N ALA A 1 -2.33 20.40 1.51
CA ALA A 1 -3.78 20.63 1.25
C ALA A 1 -4.42 19.39 0.62
N GLN A 2 -5.72 19.36 0.52
CA GLN A 2 -6.39 18.17 -0.09
C GLN A 2 -5.64 17.76 -1.36
N GLN A 3 -5.26 16.52 -1.49
CA GLN A 3 -4.52 16.09 -2.71
C GLN A 3 -4.21 14.59 -2.64
N ARG A 4 -4.11 13.95 -3.77
CA ARG A 4 -3.81 12.49 -3.78
C ARG A 4 -4.67 11.76 -2.76
N LYS A 5 -4.32 10.55 -2.43
CA LYS A 5 -5.13 9.79 -1.43
C LYS A 5 -4.20 9.13 -0.41
N VAL A 6 -4.75 8.48 0.57
CA VAL A 6 -3.90 7.81 1.60
C VAL A 6 -2.78 7.03 0.89
N ILE A 7 -1.84 6.53 1.62
CA ILE A 7 -0.75 5.76 0.97
C ILE A 7 -1.24 4.35 0.66
N ARG A 8 -1.50 4.05 -0.59
CA ARG A 8 -2.01 2.69 -0.94
C ARG A 8 -0.86 1.68 -0.98
N CYS A 9 -0.06 1.66 0.04
CA CYS A 9 1.09 0.69 0.08
C CYS A 9 1.74 0.55 -1.29
N TRP A 10 2.83 1.23 -1.49
CA TRP A 10 3.53 1.13 -2.81
C TRP A 10 3.74 -0.34 -3.21
N ALA A 11 3.74 -1.24 -2.27
CA ALA A 11 3.99 -2.66 -2.63
C ALA A 11 2.68 -3.41 -2.90
N CYS A 12 1.57 -2.91 -2.42
CA CYS A 12 0.28 -3.62 -2.67
C CYS A 12 -0.66 -2.71 -3.46
N GLY A 13 -1.15 -1.66 -2.85
CA GLY A 13 -2.06 -0.74 -3.58
C GLY A 13 -3.29 -0.44 -2.71
N LYS A 14 -3.32 -0.93 -1.51
CA LYS A 14 -4.51 -0.66 -0.64
C LYS A 14 -4.16 0.42 0.40
N GLU A 15 -5.12 1.24 0.75
CA GLU A 15 -4.85 2.31 1.75
C GLU A 15 -4.94 1.74 3.16
N GLY A 16 -3.99 2.07 4.01
CA GLY A 16 -4.03 1.54 5.40
C GLY A 16 -2.60 1.46 5.95
N HIS A 17 -1.75 0.71 5.32
CA HIS A 17 -0.34 0.60 5.81
C HIS A 17 0.61 1.26 4.82
N SER A 18 1.88 1.29 5.12
CA SER A 18 2.86 1.93 4.20
C SER A 18 4.02 0.97 3.90
N ALA A 19 4.72 1.19 2.82
CA ALA A 19 5.86 0.30 2.48
C ALA A 19 6.71 0.02 3.72
N ARG A 20 7.04 1.05 4.45
CA ARG A 20 7.85 0.85 5.68
C ARG A 20 7.34 -0.35 6.46
N GLN A 21 6.08 -0.67 6.30
CA GLN A 21 5.51 -1.83 7.05
C GLN A 21 4.74 -2.76 6.11
N CYS A 22 4.88 -2.61 4.81
CA CYS A 22 4.14 -3.50 3.87
C CYS A 22 4.48 -4.97 4.14
N ARG A 23 3.90 -5.55 5.14
CA ARG A 23 4.17 -6.98 5.44
C ARG A 23 3.31 -7.86 4.52
N ALA A 24 2.36 -7.25 3.86
CA ALA A 24 1.48 -8.03 2.95
C ALA A 24 1.60 -7.51 1.53
N PRO A 25 2.70 -7.82 0.92
CA PRO A 25 2.97 -7.40 -0.48
C PRO A 25 2.04 -8.13 -1.44
N ARG A 26 0.75 -8.02 -1.22
CA ARG A 26 -0.29 -8.69 -2.08
C ARG A 26 0.34 -9.47 -3.25
N ARG A 27 0.19 -10.76 -3.25
CA ARG A 27 0.76 -11.59 -4.36
C ARG A 27 2.29 -11.58 -4.29
N GLN A 28 2.86 -11.00 -3.26
CA GLN A 28 4.34 -10.96 -3.15
C GLN A 28 4.95 -10.52 -4.49
N GLY A 29 5.13 -9.25 -4.68
CA GLY A 29 5.74 -8.77 -5.96
C GLY A 29 6.03 -7.27 -5.85
N ALA A 1 -13.54 3.19 -8.28
CA ALA A 1 -12.83 4.47 -7.97
C ALA A 1 -12.82 4.69 -6.45
N GLN A 2 -11.66 4.60 -5.84
CA GLN A 2 -11.57 4.80 -4.37
C GLN A 2 -11.27 6.27 -4.06
N GLN A 3 -10.08 6.59 -3.62
CA GLN A 3 -9.75 8.00 -3.32
C GLN A 3 -8.61 8.49 -4.22
N ARG A 4 -7.67 7.64 -4.51
CA ARG A 4 -6.53 8.05 -5.39
C ARG A 4 -5.78 9.23 -4.75
N LYS A 5 -5.48 9.13 -3.48
CA LYS A 5 -4.74 10.24 -2.80
C LYS A 5 -4.52 9.90 -1.33
N VAL A 6 -3.89 8.80 -1.07
CA VAL A 6 -3.62 8.37 0.33
C VAL A 6 -2.45 7.40 0.35
N ILE A 7 -2.06 6.94 1.50
CA ILE A 7 -0.93 5.98 1.55
C ILE A 7 -1.48 4.59 1.16
N ARG A 8 -1.53 4.32 -0.11
CA ARG A 8 -2.05 3.00 -0.56
C ARG A 8 -0.92 1.97 -0.59
N CYS A 9 0.08 2.17 0.23
CA CYS A 9 1.22 1.21 0.26
C CYS A 9 1.70 0.93 -1.17
N TRP A 10 2.62 1.71 -1.68
CA TRP A 10 3.09 1.48 -3.07
C TRP A 10 3.68 0.07 -3.23
N ALA A 11 3.90 -0.63 -2.14
CA ALA A 11 4.45 -2.01 -2.27
C ALA A 11 3.31 -3.01 -2.52
N CYS A 12 2.13 -2.66 -2.11
CA CYS A 12 0.97 -3.58 -2.32
C CYS A 12 -0.13 -2.88 -3.12
N GLY A 13 -0.76 -1.89 -2.55
CA GLY A 13 -1.83 -1.16 -3.29
C GLY A 13 -3.09 -1.07 -2.41
N LYS A 14 -2.92 -0.80 -1.15
CA LYS A 14 -4.10 -0.69 -0.25
C LYS A 14 -4.00 0.57 0.61
N GLU A 15 -5.08 1.29 0.76
CA GLU A 15 -5.03 2.54 1.58
C GLU A 15 -5.10 2.20 3.06
N GLY A 16 -4.01 2.37 3.77
CA GLY A 16 -4.00 2.06 5.23
C GLY A 16 -2.56 1.84 5.69
N HIS A 17 -2.02 0.67 5.48
CA HIS A 17 -0.62 0.42 5.92
C HIS A 17 0.36 0.98 4.90
N SER A 18 1.53 1.34 5.34
CA SER A 18 2.55 1.90 4.39
C SER A 18 3.47 0.79 3.88
N ALA A 19 4.00 0.96 2.71
CA ALA A 19 4.91 -0.09 2.14
C ALA A 19 6.12 -0.28 3.04
N ARG A 20 6.47 0.71 3.82
CA ARG A 20 7.65 0.56 4.72
C ARG A 20 7.38 -0.52 5.76
N GLN A 21 6.17 -1.03 5.81
CA GLN A 21 5.85 -2.10 6.80
C GLN A 21 4.89 -3.13 6.22
N CYS A 22 4.60 -3.07 4.94
CA CYS A 22 3.66 -4.07 4.36
C CYS A 22 4.34 -5.42 4.15
N ARG A 23 3.73 -6.48 4.58
CA ARG A 23 4.33 -7.83 4.39
C ARG A 23 3.77 -8.47 3.12
N ALA A 24 2.78 -7.87 2.54
CA ALA A 24 2.17 -8.43 1.30
C ALA A 24 2.91 -7.92 0.07
N PRO A 25 3.64 -8.79 -0.57
CA PRO A 25 4.40 -8.42 -1.78
C PRO A 25 3.47 -8.28 -2.98
N ARG A 26 2.40 -7.54 -2.85
CA ARG A 26 1.45 -7.38 -3.99
C ARG A 26 0.82 -8.74 -4.31
N ARG A 27 -0.34 -8.74 -4.91
CA ARG A 27 -1.02 -10.03 -5.23
C ARG A 27 -1.38 -10.76 -3.94
N GLN A 28 -1.24 -10.11 -2.82
CA GLN A 28 -1.58 -10.75 -1.51
C GLN A 28 -1.14 -12.23 -1.52
N GLY A 29 0.06 -12.50 -1.95
CA GLY A 29 0.54 -13.91 -1.98
C GLY A 29 2.06 -13.93 -2.10
N ALA A 1 -9.26 0.50 -0.97
CA ALA A 1 -10.60 1.14 -0.89
C ALA A 1 -10.86 1.95 -2.17
N GLN A 2 -10.66 1.35 -3.31
CA GLN A 2 -10.89 2.07 -4.59
C GLN A 2 -9.83 3.16 -4.79
N GLN A 3 -8.61 2.88 -4.40
CA GLN A 3 -7.52 3.88 -4.57
C GLN A 3 -7.85 5.19 -3.84
N ARG A 4 -8.74 5.98 -4.39
CA ARG A 4 -9.11 7.27 -3.74
C ARG A 4 -7.98 8.30 -3.92
N LYS A 5 -6.95 8.24 -3.11
CA LYS A 5 -5.80 9.20 -3.21
C LYS A 5 -5.07 9.23 -1.87
N VAL A 6 -4.49 8.14 -1.49
CA VAL A 6 -3.76 8.07 -0.18
C VAL A 6 -2.55 7.17 -0.30
N ILE A 7 -1.91 6.89 0.79
CA ILE A 7 -0.73 5.99 0.74
C ILE A 7 -1.18 4.53 0.75
N ARG A 8 -1.68 4.06 -0.35
CA ARG A 8 -2.14 2.64 -0.39
C ARG A 8 -0.94 1.72 -0.51
N CYS A 9 -0.04 1.80 0.43
CA CYS A 9 1.18 0.92 0.37
C CYS A 9 1.69 0.85 -1.05
N TRP A 10 2.40 1.85 -1.47
CA TRP A 10 2.94 1.85 -2.85
C TRP A 10 3.48 0.45 -3.17
N ALA A 11 3.94 -0.26 -2.17
CA ALA A 11 4.51 -1.62 -2.42
C ALA A 11 3.40 -2.67 -2.56
N CYS A 12 2.22 -2.38 -2.05
CA CYS A 12 1.10 -3.36 -2.17
C CYS A 12 -0.04 -2.76 -3.00
N GLY A 13 -0.75 -1.81 -2.46
CA GLY A 13 -1.86 -1.19 -3.24
C GLY A 13 -3.11 -1.00 -2.37
N LYS A 14 -3.02 -1.32 -1.10
CA LYS A 14 -4.22 -1.16 -0.22
C LYS A 14 -4.08 0.11 0.63
N GLU A 15 -5.16 0.81 0.84
CA GLU A 15 -5.09 2.07 1.65
C GLU A 15 -5.08 1.76 3.14
N GLY A 16 -4.11 2.28 3.86
CA GLY A 16 -4.05 2.01 5.32
C GLY A 16 -2.60 1.93 5.80
N HIS A 17 -1.78 1.16 5.13
CA HIS A 17 -0.35 1.05 5.58
C HIS A 17 0.59 1.46 4.46
N SER A 18 1.88 1.41 4.71
CA SER A 18 2.87 1.79 3.67
C SER A 18 3.81 0.61 3.38
N ALA A 19 4.46 0.62 2.24
CA ALA A 19 5.38 -0.50 1.91
C ALA A 19 6.26 -0.85 3.11
N ARG A 20 7.11 0.05 3.54
CA ARG A 20 8.00 -0.25 4.70
C ARG A 20 7.23 -1.04 5.76
N GLN A 21 6.00 -0.67 6.01
CA GLN A 21 5.21 -1.41 7.03
C GLN A 21 4.49 -2.59 6.36
N CYS A 22 4.26 -2.51 5.08
CA CYS A 22 3.57 -3.63 4.38
C CYS A 22 4.34 -4.94 4.59
N ARG A 23 3.81 -5.82 5.40
CA ARG A 23 4.51 -7.11 5.63
C ARG A 23 4.25 -8.04 4.45
N ALA A 24 3.53 -7.57 3.47
CA ALA A 24 3.23 -8.41 2.27
C ALA A 24 4.32 -8.19 1.22
N PRO A 25 5.04 -9.23 0.92
CA PRO A 25 6.13 -9.16 -0.10
C PRO A 25 5.55 -8.99 -1.50
N ARG A 26 5.13 -7.79 -1.83
CA ARG A 26 4.56 -7.55 -3.19
C ARG A 26 3.64 -8.71 -3.58
N ARG A 27 2.96 -9.29 -2.63
CA ARG A 27 2.03 -10.42 -2.94
C ARG A 27 2.70 -11.39 -3.91
N GLN A 28 3.93 -11.74 -3.66
CA GLN A 28 4.64 -12.69 -4.57
C GLN A 28 5.69 -13.47 -3.79
N GLY A 29 6.42 -12.81 -2.94
CA GLY A 29 7.47 -13.51 -2.16
C GLY A 29 6.88 -14.78 -1.53
N ALA A 1 -11.61 -2.08 -5.25
CA ALA A 1 -11.61 -0.79 -4.50
C ALA A 1 -10.88 0.30 -5.31
N GLN A 2 -10.82 1.49 -4.79
CA GLN A 2 -10.13 2.59 -5.54
C GLN A 2 -8.79 2.92 -4.87
N GLN A 3 -8.74 3.95 -4.06
CA GLN A 3 -7.46 4.32 -3.39
C GLN A 3 -7.65 5.59 -2.55
N ARG A 4 -8.47 6.50 -3.01
CA ARG A 4 -8.71 7.76 -2.24
C ARG A 4 -7.49 8.69 -2.29
N LYS A 5 -6.43 8.26 -2.93
CA LYS A 5 -5.21 9.13 -3.00
C LYS A 5 -4.55 9.21 -1.63
N VAL A 6 -4.18 8.09 -1.11
CA VAL A 6 -3.52 8.04 0.23
C VAL A 6 -2.30 7.17 0.14
N ILE A 7 -1.62 6.97 1.23
CA ILE A 7 -0.42 6.11 1.18
C ILE A 7 -0.85 4.65 1.19
N ARG A 8 -1.42 4.20 0.11
CA ARG A 8 -1.87 2.80 0.05
C ARG A 8 -0.67 1.89 -0.16
N CYS A 9 0.25 1.91 0.77
CA CYS A 9 1.48 1.06 0.67
C CYS A 9 1.83 0.80 -0.78
N TRP A 10 2.36 1.79 -1.43
CA TRP A 10 2.74 1.64 -2.86
C TRP A 10 3.31 0.24 -3.12
N ALA A 11 3.91 -0.37 -2.12
CA ALA A 11 4.51 -1.72 -2.32
C ALA A 11 3.41 -2.78 -2.45
N CYS A 12 2.18 -2.44 -2.18
CA CYS A 12 1.09 -3.43 -2.30
C CYS A 12 -0.07 -2.85 -3.12
N GLY A 13 -0.79 -1.90 -2.57
CA GLY A 13 -1.91 -1.29 -3.33
C GLY A 13 -3.12 -1.06 -2.42
N LYS A 14 -3.02 -1.42 -1.17
CA LYS A 14 -4.19 -1.21 -0.25
C LYS A 14 -4.01 0.08 0.56
N GLU A 15 -5.10 0.74 0.88
CA GLU A 15 -5.01 2.00 1.66
C GLU A 15 -4.98 1.71 3.15
N GLY A 16 -4.07 2.32 3.87
CA GLY A 16 -4.02 2.07 5.34
C GLY A 16 -2.56 2.01 5.82
N HIS A 17 -1.73 1.25 5.16
CA HIS A 17 -0.31 1.15 5.60
C HIS A 17 0.65 1.56 4.48
N SER A 18 1.91 1.68 4.79
CA SER A 18 2.90 2.06 3.74
C SER A 18 3.83 0.87 3.45
N ALA A 19 4.48 0.88 2.32
CA ALA A 19 5.39 -0.25 1.98
C ALA A 19 6.28 -0.60 3.17
N ARG A 20 6.88 0.38 3.79
CA ARG A 20 7.78 0.11 4.95
C ARG A 20 7.18 -0.99 5.83
N GLN A 21 5.92 -0.87 6.17
CA GLN A 21 5.29 -1.91 7.03
C GLN A 21 4.45 -2.86 6.17
N CYS A 22 4.22 -2.53 4.93
CA CYS A 22 3.42 -3.44 4.06
C CYS A 22 4.05 -4.83 4.04
N ARG A 23 3.46 -5.76 4.73
CA ARG A 23 4.02 -7.14 4.77
C ARG A 23 3.57 -7.93 3.53
N ALA A 24 3.04 -7.25 2.54
CA ALA A 24 2.57 -7.95 1.32
C ALA A 24 3.34 -7.45 0.09
N PRO A 25 4.63 -7.43 0.23
CA PRO A 25 5.52 -6.97 -0.87
C PRO A 25 5.50 -7.97 -2.04
N ARG A 26 4.34 -8.26 -2.57
CA ARG A 26 4.23 -9.22 -3.70
C ARG A 26 5.19 -10.40 -3.52
N ARG A 27 5.41 -11.16 -4.56
CA ARG A 27 6.32 -12.34 -4.46
C ARG A 27 6.15 -13.05 -3.12
N GLN A 28 4.99 -12.98 -2.53
CA GLN A 28 4.78 -13.66 -1.22
C GLN A 28 3.68 -14.72 -1.35
N GLY A 29 2.78 -14.55 -2.28
CA GLY A 29 1.68 -15.55 -2.44
C GLY A 29 2.18 -16.72 -3.31
N ALA A 1 -14.50 9.90 -4.12
CA ALA A 1 -15.86 10.19 -3.56
C ALA A 1 -15.83 10.09 -2.04
N GLN A 2 -15.19 11.01 -1.37
CA GLN A 2 -15.13 10.97 0.12
C GLN A 2 -14.76 9.56 0.58
N GLN A 3 -13.65 9.05 0.12
CA GLN A 3 -13.22 7.67 0.54
C GLN A 3 -11.70 7.52 0.40
N ARG A 4 -11.16 6.47 0.94
CA ARG A 4 -9.68 6.26 0.84
C ARG A 4 -8.93 7.59 1.04
N LYS A 5 -7.93 7.85 0.25
CA LYS A 5 -7.13 9.12 0.40
C LYS A 5 -6.12 8.94 1.51
N VAL A 6 -5.38 7.88 1.42
CA VAL A 6 -4.34 7.58 2.44
C VAL A 6 -3.15 6.99 1.71
N ILE A 7 -2.10 6.69 2.41
CA ILE A 7 -0.91 6.11 1.72
C ILE A 7 -1.17 4.62 1.46
N ARG A 8 -1.66 4.28 0.30
CA ARG A 8 -1.93 2.85 0.01
C ARG A 8 -0.64 2.10 -0.27
N CYS A 9 0.25 2.08 0.70
CA CYS A 9 1.57 1.37 0.58
C CYS A 9 1.88 0.99 -0.86
N TRP A 10 2.67 1.77 -1.54
CA TRP A 10 2.99 1.43 -2.95
C TRP A 10 3.41 -0.04 -3.07
N ALA A 11 3.86 -0.65 -2.00
CA ALA A 11 4.25 -2.09 -2.08
C ALA A 11 3.01 -2.96 -2.24
N CYS A 12 1.96 -2.64 -1.53
CA CYS A 12 0.71 -3.45 -1.63
C CYS A 12 -0.24 -2.82 -2.65
N GLY A 13 -0.75 -1.65 -2.36
CA GLY A 13 -1.68 -0.97 -3.30
C GLY A 13 -3.00 -0.66 -2.59
N LYS A 14 -3.17 -1.15 -1.40
CA LYS A 14 -4.43 -0.88 -0.64
C LYS A 14 -4.23 0.28 0.34
N GLU A 15 -5.25 1.08 0.55
CA GLU A 15 -5.12 2.23 1.48
C GLU A 15 -5.22 1.76 2.93
N GLY A 16 -4.26 2.10 3.75
CA GLY A 16 -4.31 1.67 5.18
C GLY A 16 -2.90 1.67 5.77
N HIS A 17 -1.90 1.39 4.98
CA HIS A 17 -0.51 1.37 5.52
C HIS A 17 0.51 1.69 4.43
N SER A 18 1.78 1.68 4.75
CA SER A 18 2.82 1.98 3.73
C SER A 18 3.68 0.74 3.47
N ALA A 19 4.52 0.79 2.48
CA ALA A 19 5.38 -0.39 2.17
C ALA A 19 6.41 -0.61 3.28
N ARG A 20 6.97 0.44 3.80
CA ARG A 20 7.99 0.29 4.89
C ARG A 20 7.54 -0.78 5.88
N GLN A 21 6.25 -1.00 6.00
CA GLN A 21 5.76 -2.04 6.95
C GLN A 21 4.88 -3.06 6.23
N CYS A 22 4.70 -2.92 4.94
CA CYS A 22 3.84 -3.90 4.19
C CYS A 22 4.69 -5.06 3.66
N ARG A 23 4.22 -6.26 3.83
CA ARG A 23 4.98 -7.44 3.29
C ARG A 23 4.49 -7.73 1.88
N ALA A 24 4.26 -6.71 1.09
CA ALA A 24 3.78 -6.91 -0.30
C ALA A 24 4.77 -6.36 -1.32
N PRO A 25 6.02 -6.62 -1.09
CA PRO A 25 7.07 -6.16 -2.03
C PRO A 25 6.97 -6.94 -3.34
N ARG A 26 6.15 -7.96 -3.36
CA ARG A 26 6.00 -8.77 -4.59
C ARG A 26 5.86 -7.86 -5.80
N ARG A 27 5.40 -6.65 -5.60
CA ARG A 27 5.24 -5.72 -6.76
C ARG A 27 4.47 -6.44 -7.88
N GLN A 28 3.71 -7.44 -7.52
CA GLN A 28 2.93 -8.19 -8.55
C GLN A 28 1.92 -9.12 -7.88
N GLY A 29 1.38 -8.72 -6.76
CA GLY A 29 0.39 -9.59 -6.07
C GLY A 29 -0.78 -9.89 -7.00
N ALA A 1 -1.81 18.67 -11.74
CA ALA A 1 -1.26 18.91 -10.37
C ALA A 1 -0.89 17.56 -9.71
N GLN A 2 0.10 17.56 -8.88
CA GLN A 2 0.51 16.29 -8.19
C GLN A 2 -0.16 16.19 -6.82
N GLN A 3 -1.23 15.43 -6.72
CA GLN A 3 -1.92 15.30 -5.42
C GLN A 3 -1.95 13.83 -4.97
N ARG A 4 -1.51 12.94 -5.82
CA ARG A 4 -1.49 11.48 -5.48
C ARG A 4 -2.72 11.07 -4.65
N LYS A 5 -2.65 9.93 -4.04
CA LYS A 5 -3.77 9.43 -3.20
C LYS A 5 -3.24 8.94 -1.87
N VAL A 6 -4.09 8.47 -1.02
CA VAL A 6 -3.62 7.96 0.30
C VAL A 6 -2.43 7.05 0.08
N ILE A 7 -1.76 6.64 1.12
CA ILE A 7 -0.61 5.74 0.92
C ILE A 7 -1.15 4.33 0.70
N ARG A 8 -1.51 4.02 -0.52
CA ARG A 8 -2.07 2.66 -0.79
C ARG A 8 -0.94 1.64 -0.85
N CYS A 9 -0.16 1.57 0.20
CA CYS A 9 0.96 0.60 0.24
C CYS A 9 1.64 0.48 -1.12
N TRP A 10 2.66 1.25 -1.35
CA TRP A 10 3.38 1.20 -2.66
C TRP A 10 3.64 -0.26 -3.08
N ALA A 11 3.70 -1.16 -2.12
CA ALA A 11 4.01 -2.58 -2.47
C ALA A 11 2.73 -3.36 -2.78
N CYS A 12 1.59 -2.88 -2.36
CA CYS A 12 0.33 -3.63 -2.63
C CYS A 12 -0.66 -2.74 -3.39
N GLY A 13 -1.06 -1.64 -2.81
CA GLY A 13 -2.03 -0.75 -3.51
C GLY A 13 -3.28 -0.57 -2.65
N LYS A 14 -3.21 -0.91 -1.39
CA LYS A 14 -4.39 -0.75 -0.50
C LYS A 14 -4.20 0.43 0.44
N GLU A 15 -5.22 1.22 0.65
CA GLU A 15 -5.09 2.40 1.55
C GLU A 15 -5.13 1.96 3.02
N GLY A 16 -4.03 2.05 3.72
CA GLY A 16 -4.01 1.63 5.14
C GLY A 16 -2.58 1.63 5.68
N HIS A 17 -1.79 0.66 5.30
CA HIS A 17 -0.39 0.60 5.80
C HIS A 17 0.57 1.27 4.80
N SER A 18 1.84 1.23 5.10
CA SER A 18 2.83 1.87 4.19
C SER A 18 3.97 0.88 3.87
N ALA A 19 4.79 1.21 2.91
CA ALA A 19 5.92 0.30 2.54
C ALA A 19 6.74 -0.05 3.78
N ARG A 20 7.15 0.95 4.53
CA ARG A 20 7.96 0.69 5.74
C ARG A 20 7.41 -0.52 6.50
N GLN A 21 6.14 -0.78 6.38
CA GLN A 21 5.55 -1.95 7.09
C GLN A 21 4.83 -2.89 6.11
N CYS A 22 4.90 -2.60 4.84
CA CYS A 22 4.22 -3.48 3.84
C CYS A 22 4.98 -4.80 3.69
N ARG A 23 4.83 -5.71 4.60
CA ARG A 23 5.54 -7.01 4.49
C ARG A 23 4.74 -7.95 3.59
N ALA A 24 4.33 -7.46 2.44
CA ALA A 24 3.54 -8.32 1.50
C ALA A 24 4.48 -9.11 0.59
N PRO A 25 4.12 -10.34 0.36
CA PRO A 25 4.92 -11.23 -0.51
C PRO A 25 4.79 -10.81 -1.97
N ARG A 26 3.98 -9.82 -2.24
CA ARG A 26 3.79 -9.35 -3.62
C ARG A 26 5.12 -8.87 -4.21
N ARG A 27 5.99 -9.79 -4.56
CA ARG A 27 7.32 -9.39 -5.12
C ARG A 27 8.18 -8.75 -4.03
N GLN A 28 7.71 -8.71 -2.81
CA GLN A 28 8.52 -8.10 -1.72
C GLN A 28 9.20 -6.82 -2.21
N GLY A 29 8.46 -5.97 -2.87
CA GLY A 29 9.07 -4.70 -3.37
C GLY A 29 8.03 -3.91 -4.18
N ALA A 1 -12.38 2.79 -1.39
CA ALA A 1 -11.88 3.53 -2.59
C ALA A 1 -12.69 4.82 -2.77
N GLN A 2 -12.47 5.79 -1.93
CA GLN A 2 -13.23 7.07 -2.07
C GLN A 2 -12.58 7.96 -3.12
N GLN A 3 -11.31 7.81 -3.36
CA GLN A 3 -10.62 8.66 -4.37
C GLN A 3 -9.20 8.16 -4.65
N ARG A 4 -8.95 6.89 -4.45
CA ARG A 4 -7.59 6.31 -4.70
C ARG A 4 -6.50 7.38 -4.66
N LYS A 5 -6.19 7.89 -3.50
CA LYS A 5 -5.13 8.94 -3.39
C LYS A 5 -4.63 9.00 -1.96
N VAL A 6 -4.07 7.93 -1.49
CA VAL A 6 -3.53 7.89 -0.10
C VAL A 6 -2.27 7.03 -0.06
N ILE A 7 -1.76 6.80 1.11
CA ILE A 7 -0.55 5.96 1.20
C ILE A 7 -0.96 4.48 1.09
N ARG A 8 -1.47 4.11 -0.05
CA ARG A 8 -1.90 2.70 -0.24
C ARG A 8 -0.67 1.82 -0.47
N CYS A 9 0.20 1.78 0.51
CA CYS A 9 1.45 0.95 0.42
C CYS A 9 1.91 0.81 -1.04
N TRP A 10 2.85 1.61 -1.43
CA TRP A 10 3.37 1.55 -2.82
C TRP A 10 3.70 0.11 -3.25
N ALA A 11 3.86 -0.78 -2.30
CA ALA A 11 4.26 -2.17 -2.67
C ALA A 11 3.05 -3.11 -2.73
N CYS A 12 1.90 -2.67 -2.30
CA CYS A 12 0.71 -3.56 -2.36
C CYS A 12 -0.42 -2.88 -3.14
N GLY A 13 -0.97 -1.83 -2.60
CA GLY A 13 -2.07 -1.12 -3.31
C GLY A 13 -3.26 -0.93 -2.35
N LYS A 14 -3.14 -1.42 -1.15
CA LYS A 14 -4.26 -1.26 -0.16
C LYS A 14 -4.10 0.05 0.62
N GLU A 15 -5.15 0.79 0.80
CA GLU A 15 -5.04 2.06 1.55
C GLU A 15 -5.04 1.78 3.06
N GLY A 16 -3.92 1.97 3.72
CA GLY A 16 -3.87 1.70 5.18
C GLY A 16 -2.41 1.74 5.68
N HIS A 17 -1.62 0.77 5.33
CA HIS A 17 -0.21 0.75 5.81
C HIS A 17 0.74 1.34 4.76
N SER A 18 1.93 1.69 5.17
CA SER A 18 2.90 2.28 4.21
C SER A 18 3.90 1.21 3.75
N ALA A 19 4.67 1.52 2.75
CA ALA A 19 5.68 0.52 2.25
C ALA A 19 6.41 -0.15 3.42
N ARG A 20 7.19 0.61 4.15
CA ARG A 20 7.96 0.02 5.28
C ARG A 20 7.12 -1.02 6.03
N GLN A 21 5.86 -0.77 6.24
CA GLN A 21 5.01 -1.74 6.98
C GLN A 21 4.31 -2.71 6.01
N CYS A 22 4.46 -2.49 4.73
CA CYS A 22 3.80 -3.40 3.75
C CYS A 22 4.25 -4.84 4.00
N ARG A 23 3.49 -5.58 4.75
CA ARG A 23 3.86 -6.99 5.03
C ARG A 23 3.46 -7.87 3.84
N ALA A 24 2.97 -7.28 2.79
CA ALA A 24 2.57 -8.07 1.60
C ALA A 24 3.65 -9.11 1.27
N PRO A 25 3.31 -10.02 0.41
CA PRO A 25 4.25 -11.09 -0.01
C PRO A 25 5.36 -10.51 -0.90
N ARG A 26 5.15 -9.35 -1.45
CA ARG A 26 6.17 -8.76 -2.33
C ARG A 26 7.50 -8.57 -1.60
N ARG A 27 8.24 -9.62 -1.41
CA ARG A 27 9.54 -9.50 -0.69
C ARG A 27 9.36 -8.61 0.55
N GLN A 28 8.17 -8.56 1.09
CA GLN A 28 7.92 -7.72 2.29
C GLN A 28 8.33 -6.28 2.01
N GLY A 29 8.03 -5.78 0.84
CA GLY A 29 8.40 -4.38 0.51
C GLY A 29 9.34 -4.38 -0.71
#